data_5D2E
#
_entry.id   5D2E
#
_cell.length_a   92.627
_cell.length_b   110.933
_cell.length_c   139.310
_cell.angle_alpha   90.000
_cell.angle_beta   90.000
_cell.angle_gamma   90.000
#
_symmetry.space_group_name_H-M   'I 2 2 2'
#
loop_
_entity.id
_entity.type
_entity.pdbx_description
1 polymer MlnE
2 non-polymer 'NADP NICOTINAMIDE-ADENINE-DINUCLEOTIDE PHOSPHATE'
3 non-polymer GLYCEROL
4 non-polymer 'TETRAETHYLENE GLYCOL'
5 water water
#
_entity_poly.entity_id   1
_entity_poly.type   'polypeptide(L)'
_entity_poly.pdbx_seq_one_letter_code
;MNEKTMQIEQIVKKVKECSLTPEEGLELIKSLGKTHLYEMVWDRHEFKGSKKFPHTKEPILFFCEDDSMYTVMKRQLEGY
EAPFIYVTSGERFEDCRNGRFTMNFTKGEDYDALCGVLRSQNIRPRHIIHFLAAGLFKNTEDAMRKQLNKSLYSLFQMFQ
AFMANKLCPKAEILYLYENAEGEVQPIYNAVESFLKTVQAENPNFTCKAAELKSMFDEPFTKQHIADVISFEWNNQCKTD
CFTCYEPRHYYKRQLQRVKKEDGEKHSFSVKKNGVYLITGGAGGLGYLFAEYLAKQAEVKLILTGRSPASRETAQKLSAL
ENLGAEALYVPADISKEKETDALIKYIKQTFGELNGILHSAGLVKDAFIIKKTKESIEEVIAPKVFGTVWLDKAAEEEPL
DFFVMFSSLSAVLPNAGQSDYAFANGCMDGFTQYRSMKGRPGKTLSINWPLWDAGNMTVGPGELQALRHAGLELLSAQAG
LAAFQDSMSRSASQLAVISGDKDRISELLSTDHKKIETVPEN
;
_entity_poly.pdbx_strand_id   A
#
loop_
_chem_comp.id
_chem_comp.type
_chem_comp.name
_chem_comp.formula
GOL non-polymer GLYCEROL 'C3 H8 O3'
NAP non-polymer 'NADP NICOTINAMIDE-ADENINE-DINUCLEOTIDE PHOSPHATE' 'C21 H28 N7 O17 P3'
PG4 non-polymer 'TETRAETHYLENE GLYCOL' 'C8 H18 O5'
#
# COMPACT_ATOMS: atom_id res chain seq x y z
N THR A 5 13.29 34.03 -1.22
CA THR A 5 13.37 35.17 -2.19
C THR A 5 13.58 34.65 -3.60
N MET A 6 14.65 33.87 -3.75
CA MET A 6 14.96 33.17 -5.00
C MET A 6 13.74 32.39 -5.51
N GLN A 7 13.07 31.68 -4.61
CA GLN A 7 11.87 30.89 -4.95
C GLN A 7 10.70 31.69 -5.55
N ILE A 8 10.44 32.84 -4.95
CA ILE A 8 9.41 33.72 -5.48
C ILE A 8 9.75 34.20 -6.91
N GLU A 9 10.99 34.66 -7.11
CA GLU A 9 11.47 35.15 -8.44
C GLU A 9 11.35 34.02 -9.47
N GLN A 10 11.83 32.84 -9.09
CA GLN A 10 11.58 31.59 -9.80
C GLN A 10 10.17 31.55 -10.39
N ILE A 11 9.17 31.66 -9.50
CA ILE A 11 7.74 31.56 -9.87
C ILE A 11 7.36 32.75 -10.76
N VAL A 12 7.85 33.94 -10.41
CA VAL A 12 7.59 35.15 -11.20
C VAL A 12 7.98 34.90 -12.66
N LYS A 13 9.23 34.44 -12.83
CA LYS A 13 9.81 34.09 -14.12
C LYS A 13 8.94 33.14 -14.93
N LYS A 14 8.35 32.18 -14.23
CA LYS A 14 7.47 31.18 -14.80
C LYS A 14 6.15 31.76 -15.37
N VAL A 15 5.57 32.73 -14.67
CA VAL A 15 4.33 33.34 -15.12
C VAL A 15 4.72 34.29 -16.21
N LYS A 16 5.88 34.90 -16.06
CA LYS A 16 6.38 35.72 -17.13
C LYS A 16 6.54 34.84 -18.35
N GLU A 17 7.08 33.64 -18.15
CA GLU A 17 7.30 32.71 -19.26
C GLU A 17 6.01 32.11 -19.71
N CYS A 18 4.97 32.36 -18.94
CA CYS A 18 3.64 31.94 -19.29
C CYS A 18 3.32 30.49 -19.00
N SER A 19 4.18 29.80 -18.27
CA SER A 19 3.89 28.46 -17.83
C SER A 19 2.65 28.46 -16.95
N LEU A 20 2.43 29.58 -16.30
CA LEU A 20 1.35 29.76 -15.32
C LEU A 20 0.61 31.07 -15.52
N THR A 21 -0.72 31.04 -15.45
CA THR A 21 -1.56 32.22 -15.30
C THR A 21 -1.16 32.95 -14.02
N PRO A 22 -1.08 34.31 -14.05
CA PRO A 22 -0.77 35.11 -12.85
C PRO A 22 -1.48 34.67 -11.56
N GLU A 23 -2.71 34.20 -11.67
CA GLU A 23 -3.49 33.69 -10.51
C GLU A 23 -2.88 32.36 -9.94
N GLU A 24 -2.64 31.38 -10.83
CA GLU A 24 -1.90 30.13 -10.49
C GLU A 24 -0.56 30.46 -9.80
N GLY A 25 0.20 31.39 -10.36
CA GLY A 25 1.48 31.81 -9.78
C GLY A 25 1.33 32.33 -8.36
N LEU A 26 0.29 33.11 -8.16
CA LEU A 26 -0.02 33.60 -6.84
C LEU A 26 -0.38 32.44 -5.90
N GLU A 27 -1.28 31.56 -6.33
CA GLU A 27 -1.66 30.40 -5.50
C GLU A 27 -0.38 29.63 -5.08
N LEU A 28 0.55 29.44 -6.03
CA LEU A 28 1.80 28.70 -5.72
C LEU A 28 2.64 29.44 -4.68
N ILE A 29 2.75 30.76 -4.83
CA ILE A 29 3.54 31.53 -3.84
C ILE A 29 2.97 31.42 -2.43
N LYS A 30 1.65 31.45 -2.34
CA LYS A 30 0.97 31.34 -1.07
C LYS A 30 1.25 30.00 -0.41
N SER A 31 1.55 28.96 -1.22
CA SER A 31 1.94 27.63 -0.67
C SER A 31 3.40 27.49 -0.26
N LEU A 32 4.23 28.52 -0.48
CA LEU A 32 5.66 28.37 -0.27
C LEU A 32 6.00 28.06 1.17
N GLY A 33 6.92 27.10 1.33
CA GLY A 33 7.26 26.48 2.61
C GLY A 33 6.26 25.49 3.20
N LYS A 34 5.20 25.19 2.46
CA LYS A 34 4.20 24.28 2.98
C LYS A 34 4.24 22.89 2.34
N THR A 35 4.90 22.72 1.19
CA THR A 35 4.85 21.44 0.47
C THR A 35 6.23 20.82 0.49
N HIS A 36 6.33 19.63 1.04
CA HIS A 36 7.62 18.96 1.16
C HIS A 36 7.52 17.49 0.59
N LEU A 37 8.57 17.05 -0.11
CA LEU A 37 8.66 15.68 -0.59
C LEU A 37 9.54 14.85 0.35
N TYR A 38 9.11 13.61 0.57
CA TYR A 38 9.74 12.67 1.46
C TYR A 38 9.98 11.31 0.74
N GLU A 39 11.02 10.62 1.16
CA GLU A 39 11.36 9.30 0.67
C GLU A 39 11.73 8.41 1.84
N MET A 40 11.60 7.09 1.61
CA MET A 40 11.98 6.13 2.61
C MET A 40 13.49 6.08 2.75
N VAL A 41 13.97 6.13 3.96
CA VAL A 41 15.39 5.99 4.23
C VAL A 41 15.52 4.81 5.17
N TRP A 42 16.48 3.94 4.88
CA TRP A 42 16.69 2.73 5.67
C TRP A 42 17.83 2.80 6.67
N ASP A 43 17.70 2.14 7.82
CA ASP A 43 18.86 1.94 8.71
C ASP A 43 19.09 0.45 8.85
N ARG A 44 20.35 0.10 8.75
CA ARG A 44 20.79 -1.28 8.67
C ARG A 44 21.53 -1.65 9.95
N HIS A 45 21.35 -2.90 10.39
CA HIS A 45 21.89 -3.44 11.62
C HIS A 45 22.28 -4.88 11.45
N GLU A 46 23.22 -5.28 12.29
CA GLU A 46 23.61 -6.68 12.42
C GLU A 46 22.62 -7.35 13.35
N PHE A 47 22.25 -8.57 12.99
CA PHE A 47 21.30 -9.32 13.76
C PHE A 47 22.04 -10.10 14.83
N LYS A 48 21.70 -9.85 16.08
CA LYS A 48 22.53 -10.21 17.22
C LYS A 48 21.91 -11.30 18.12
N GLY A 49 20.67 -11.69 17.86
CA GLY A 49 19.96 -12.54 18.84
C GLY A 49 19.51 -11.79 20.09
N SER A 50 19.04 -12.56 21.07
CA SER A 50 18.20 -12.07 22.17
C SER A 50 17.86 -13.23 23.15
N LYS A 51 17.23 -12.91 24.28
CA LYS A 51 16.53 -13.96 25.04
C LYS A 51 15.46 -14.64 24.14
N LYS A 52 15.02 -15.83 24.51
CA LYS A 52 14.11 -16.58 23.71
C LYS A 52 12.63 -16.32 24.02
N PHE A 53 12.28 -15.93 25.24
CA PHE A 53 10.87 -15.95 25.64
C PHE A 53 10.20 -14.59 25.51
N PRO A 54 8.86 -14.57 25.38
CA PRO A 54 8.10 -13.35 25.54
C PRO A 54 8.38 -12.70 26.90
N HIS A 55 8.14 -11.40 27.02
CA HIS A 55 8.40 -10.66 28.29
C HIS A 55 7.38 -10.89 29.41
N THR A 56 6.19 -11.38 29.10
CA THR A 56 5.19 -11.81 30.11
C THR A 56 4.99 -13.28 29.94
N LYS A 57 4.46 -13.91 30.97
CA LYS A 57 4.27 -15.33 30.92
C LYS A 57 2.80 -15.63 30.62
N GLU A 58 2.43 -15.54 29.35
CA GLU A 58 1.08 -15.65 28.91
C GLU A 58 1.04 -16.50 27.64
N PRO A 59 -0.14 -17.06 27.29
CA PRO A 59 -0.26 -17.97 26.16
C PRO A 59 0.14 -17.27 24.82
N ILE A 60 0.78 -18.06 24.00
CA ILE A 60 1.20 -17.70 22.65
C ILE A 60 0.29 -18.43 21.65
N LEU A 61 -0.19 -17.73 20.63
CA LEU A 61 -1.06 -18.29 19.62
C LEU A 61 -0.35 -18.11 18.28
N PHE A 62 -0.15 -19.20 17.55
CA PHE A 62 0.65 -19.23 16.33
C PHE A 62 -0.17 -19.79 15.25
N PHE A 63 -0.32 -19.05 14.15
CA PHE A 63 -1.05 -19.46 12.98
C PHE A 63 -0.01 -19.79 11.90
N CYS A 64 -0.14 -20.95 11.27
CA CYS A 64 0.84 -21.40 10.26
C CYS A 64 0.07 -22.23 9.30
N GLU A 65 0.52 -22.30 8.06
CA GLU A 65 -0.22 -23.05 7.07
C GLU A 65 -0.14 -24.56 7.37
N ASP A 66 0.95 -24.99 7.96
CA ASP A 66 1.19 -26.41 8.16
C ASP A 66 1.99 -26.57 9.38
N ASP A 67 2.47 -27.78 9.66
CA ASP A 67 3.28 -27.86 10.90
C ASP A 67 4.75 -27.66 10.85
N SER A 68 5.22 -26.99 9.83
CA SER A 68 6.66 -26.83 9.62
C SER A 68 7.33 -26.04 10.71
N MET A 69 6.59 -25.19 11.43
CA MET A 69 7.21 -24.46 12.53
C MET A 69 6.97 -25.06 13.94
N TYR A 70 6.26 -26.19 14.03
CA TYR A 70 5.83 -26.66 15.36
C TYR A 70 7.02 -27.08 16.24
N THR A 71 7.83 -28.00 15.74
CA THR A 71 9.02 -28.53 16.52
C THR A 71 9.99 -27.49 16.92
N VAL A 72 10.31 -26.59 15.97
CA VAL A 72 11.31 -25.63 16.30
C VAL A 72 10.80 -24.70 17.35
N MET A 73 9.49 -24.39 17.30
CA MET A 73 8.97 -23.44 18.27
C MET A 73 8.82 -24.14 19.62
N LYS A 74 8.39 -25.40 19.63
CA LYS A 74 8.41 -26.16 20.95
C LYS A 74 9.81 -26.18 21.61
N ARG A 75 10.82 -26.43 20.76
CA ARG A 75 12.21 -26.38 21.26
C ARG A 75 12.60 -25.02 21.74
N GLN A 76 12.19 -24.01 21.00
CA GLN A 76 12.54 -22.66 21.39
C GLN A 76 11.95 -22.26 22.76
N LEU A 77 10.76 -22.78 23.04
CA LEU A 77 10.00 -22.41 24.23
C LEU A 77 10.18 -23.41 25.37
N GLU A 78 11.15 -24.32 25.23
CA GLU A 78 11.43 -25.28 26.32
C GLU A 78 11.71 -24.49 27.58
N GLY A 79 10.94 -24.74 28.64
CA GLY A 79 11.14 -23.98 29.88
C GLY A 79 10.15 -22.86 30.10
N TYR A 80 9.35 -22.54 29.07
CA TYR A 80 8.44 -21.38 29.14
C TYR A 80 7.12 -21.98 29.62
N GLU A 81 6.61 -21.45 30.72
CA GLU A 81 5.48 -22.10 31.43
C GLU A 81 4.18 -21.35 31.24
N ALA A 82 3.76 -21.36 29.98
CA ALA A 82 2.43 -20.89 29.57
C ALA A 82 2.09 -21.64 28.30
N PRO A 83 0.81 -21.77 27.99
CA PRO A 83 0.49 -22.59 26.82
C PRO A 83 1.01 -22.05 25.49
N PHE A 84 1.33 -22.97 24.57
CA PHE A 84 1.58 -22.64 23.18
C PHE A 84 0.51 -23.24 22.32
N ILE A 85 -0.26 -22.39 21.63
CA ILE A 85 -1.36 -22.84 20.80
C ILE A 85 -0.95 -22.77 19.33
N TYR A 86 -1.07 -23.84 18.61
CA TYR A 86 -0.57 -23.92 17.22
C TYR A 86 -1.66 -24.34 16.30
N VAL A 87 -2.01 -23.43 15.40
CA VAL A 87 -3.14 -23.59 14.52
C VAL A 87 -2.71 -23.69 13.08
N THR A 88 -3.16 -24.73 12.41
CA THR A 88 -2.87 -24.95 11.03
C THR A 88 -4.08 -24.97 10.17
N SER A 89 -3.85 -24.96 8.88
CA SER A 89 -4.89 -25.00 7.90
C SER A 89 -5.58 -26.37 7.76
N GLY A 90 -6.90 -26.36 7.67
CA GLY A 90 -7.67 -27.58 7.49
C GLY A 90 -9.01 -27.30 6.80
N GLU A 91 -9.70 -28.35 6.38
CA GLU A 91 -11.04 -28.22 5.80
C GLU A 91 -11.99 -27.63 6.85
N ARG A 92 -11.89 -28.12 8.05
CA ARG A 92 -12.82 -27.77 9.09
C ARG A 92 -12.06 -27.24 10.33
N PHE A 93 -12.77 -26.50 11.15
CA PHE A 93 -12.30 -26.18 12.48
C PHE A 93 -12.30 -27.44 13.30
N GLU A 94 -11.21 -27.68 13.97
CA GLU A 94 -11.11 -28.86 14.87
C GLU A 94 -10.17 -28.57 16.01
N ASP A 95 -10.59 -28.84 17.23
CA ASP A 95 -9.70 -28.88 18.36
C ASP A 95 -8.94 -30.23 18.26
N CYS A 96 -7.66 -30.19 17.91
CA CYS A 96 -6.88 -31.41 17.78
C CYS A 96 -6.12 -31.81 19.06
N ARG A 97 -6.56 -31.26 20.20
CA ARG A 97 -6.07 -31.51 21.56
C ARG A 97 -4.80 -30.86 21.91
N ASN A 98 -4.67 -30.57 23.20
CA ASN A 98 -3.44 -30.17 23.80
C ASN A 98 -2.80 -29.00 23.04
N GLY A 99 -3.62 -28.04 22.64
CA GLY A 99 -3.09 -26.79 22.10
C GLY A 99 -2.99 -26.77 20.60
N ARG A 100 -3.43 -27.82 19.91
CA ARG A 100 -3.40 -27.86 18.49
C ARG A 100 -4.75 -27.69 17.92
N PHE A 101 -4.89 -26.91 16.86
CA PHE A 101 -6.12 -26.74 16.14
C PHE A 101 -5.89 -26.73 14.65
N THR A 102 -6.94 -27.05 13.89
CA THR A 102 -7.01 -26.78 12.46
C THR A 102 -8.21 -25.89 12.18
N MET A 103 -8.13 -25.15 11.07
CA MET A 103 -9.25 -24.27 10.68
C MET A 103 -9.04 -23.82 9.26
N ASN A 104 -10.10 -23.25 8.72
CA ASN A 104 -10.07 -22.59 7.40
C ASN A 104 -9.86 -21.10 7.66
N PHE A 105 -8.66 -20.60 7.32
CA PHE A 105 -8.22 -19.28 7.69
C PHE A 105 -8.94 -18.11 7.01
N THR A 106 -9.68 -18.46 6.01
CA THR A 106 -10.65 -17.56 5.34
C THR A 106 -12.06 -17.50 5.96
N LYS A 107 -12.43 -18.45 6.84
CA LYS A 107 -13.81 -18.49 7.38
C LYS A 107 -13.92 -17.82 8.71
N GLY A 108 -14.67 -16.72 8.76
CA GLY A 108 -14.85 -16.02 10.00
C GLY A 108 -15.41 -16.83 11.12
N GLU A 109 -16.32 -17.74 10.74
CA GLU A 109 -16.96 -18.62 11.68
C GLU A 109 -15.92 -19.48 12.42
N ASP A 110 -14.89 -19.88 11.71
CA ASP A 110 -13.83 -20.70 12.35
C ASP A 110 -13.03 -19.88 13.38
N TYR A 111 -12.78 -18.59 13.12
CA TYR A 111 -12.12 -17.76 14.13
C TYR A 111 -12.99 -17.61 15.34
N ASP A 112 -14.32 -17.53 15.15
CA ASP A 112 -15.23 -17.50 16.30
C ASP A 112 -15.15 -18.70 17.14
N ALA A 113 -15.15 -19.86 16.47
CA ALA A 113 -15.02 -21.14 17.15
C ALA A 113 -13.73 -21.22 17.94
N LEU A 114 -12.61 -20.80 17.31
CA LEU A 114 -11.34 -20.77 18.01
C LEU A 114 -11.42 -19.92 19.28
N CYS A 115 -11.91 -18.67 19.14
CA CYS A 115 -12.07 -17.81 20.31
C CYS A 115 -12.96 -18.48 21.41
N GLY A 116 -14.06 -19.06 20.99
CA GLY A 116 -15.00 -19.72 21.92
C GLY A 116 -14.34 -20.84 22.65
N VAL A 117 -13.61 -21.67 21.93
CA VAL A 117 -12.95 -22.76 22.59
C VAL A 117 -11.87 -22.33 23.56
N LEU A 118 -11.01 -21.38 23.13
CA LEU A 118 -9.96 -20.91 24.02
C LEU A 118 -10.52 -20.28 25.30
N ARG A 119 -11.61 -19.54 25.16
CA ARG A 119 -12.24 -18.94 26.31
C ARG A 119 -12.76 -20.02 27.26
N SER A 120 -13.35 -21.05 26.68
CA SER A 120 -13.83 -22.16 27.48
C SER A 120 -12.71 -22.89 28.21
N GLN A 121 -11.49 -22.86 27.66
CA GLN A 121 -10.33 -23.53 28.17
C GLN A 121 -9.51 -22.66 29.09
N ASN A 122 -9.98 -21.43 29.31
CA ASN A 122 -9.30 -20.42 30.12
C ASN A 122 -7.93 -20.04 29.55
N ILE A 123 -7.85 -19.99 28.23
CA ILE A 123 -6.60 -19.71 27.55
C ILE A 123 -6.78 -18.31 26.89
N ARG A 124 -6.10 -17.28 27.41
CA ARG A 124 -6.18 -15.91 26.93
C ARG A 124 -4.81 -15.49 26.31
N PRO A 125 -4.67 -15.61 24.98
CA PRO A 125 -3.36 -15.31 24.35
C PRO A 125 -3.02 -13.87 24.49
N ARG A 126 -1.74 -13.60 24.64
CA ARG A 126 -1.22 -12.28 24.52
C ARG A 126 -0.33 -12.11 23.28
N HIS A 127 0.54 -13.09 23.02
CA HIS A 127 1.41 -13.03 21.86
C HIS A 127 0.87 -13.83 20.73
N ILE A 128 0.62 -13.17 19.60
CA ILE A 128 0.04 -13.79 18.46
C ILE A 128 1.05 -13.72 17.34
N ILE A 129 1.29 -14.87 16.68
CA ILE A 129 2.17 -15.00 15.55
C ILE A 129 1.29 -15.40 14.35
N HIS A 130 1.30 -14.54 13.32
CA HIS A 130 0.58 -14.86 12.11
C HIS A 130 1.61 -15.13 11.03
N PHE A 131 1.73 -16.39 10.63
CA PHE A 131 2.69 -16.76 9.62
C PHE A 131 2.10 -17.70 8.56
N LEU A 132 1.27 -17.14 7.73
CA LEU A 132 0.66 -17.83 6.61
C LEU A 132 1.20 -17.30 5.26
N ALA A 133 1.81 -16.11 5.29
CA ALA A 133 2.18 -15.38 4.04
C ALA A 133 3.46 -15.87 3.42
N ALA A 134 3.29 -16.87 2.54
CA ALA A 134 4.39 -17.37 1.76
C ALA A 134 3.97 -17.68 0.36
N GLY A 135 4.93 -18.04 -0.48
CA GLY A 135 4.62 -18.26 -1.91
C GLY A 135 5.00 -16.99 -2.68
N LEU A 136 5.45 -17.17 -3.92
CA LEU A 136 5.90 -16.07 -4.77
C LEU A 136 4.73 -15.24 -5.25
N PHE A 137 4.96 -13.95 -5.37
CA PHE A 137 3.98 -13.10 -6.03
C PHE A 137 4.05 -13.36 -7.51
N LYS A 138 2.89 -13.48 -8.13
CA LYS A 138 2.75 -13.52 -9.55
C LYS A 138 1.56 -12.66 -9.92
N ASN A 139 1.62 -12.10 -11.13
CA ASN A 139 0.61 -11.15 -11.59
C ASN A 139 -0.57 -11.91 -12.27
N THR A 140 -1.05 -12.95 -11.60
CA THR A 140 -2.26 -13.67 -12.06
C THR A 140 -3.36 -13.54 -11.00
N GLU A 141 -4.60 -13.66 -11.45
CA GLU A 141 -5.71 -13.53 -10.55
C GLU A 141 -5.62 -14.55 -9.45
N ASP A 142 -5.37 -15.79 -9.82
CA ASP A 142 -5.37 -16.87 -8.85
C ASP A 142 -4.29 -16.66 -7.78
N ALA A 143 -3.10 -16.27 -8.19
CA ALA A 143 -2.01 -16.09 -7.26
C ALA A 143 -2.34 -14.93 -6.32
N MET A 144 -2.82 -13.83 -6.89
CA MET A 144 -3.10 -12.66 -6.05
C MET A 144 -4.22 -12.94 -5.07
N ARG A 145 -5.25 -13.67 -5.50
CA ARG A 145 -6.32 -14.04 -4.59
C ARG A 145 -5.80 -14.87 -3.43
N LYS A 146 -4.93 -15.85 -3.72
CA LYS A 146 -4.37 -16.69 -2.63
C LYS A 146 -3.54 -15.88 -1.68
N GLN A 147 -2.72 -14.96 -2.22
CA GLN A 147 -1.87 -14.14 -1.33
C GLN A 147 -2.75 -13.25 -0.41
N LEU A 148 -3.81 -12.68 -0.98
CA LEU A 148 -4.70 -11.82 -0.19
C LEU A 148 -5.41 -12.64 0.88
N ASN A 149 -5.82 -13.85 0.54
CA ASN A 149 -6.41 -14.71 1.60
C ASN A 149 -5.48 -15.09 2.73
N LYS A 150 -4.20 -15.27 2.42
CA LYS A 150 -3.20 -15.57 3.41
C LYS A 150 -2.80 -14.40 4.25
N SER A 151 -3.18 -13.18 3.86
CA SER A 151 -2.60 -12.03 4.49
C SER A 151 -3.75 -11.09 4.92
N LEU A 152 -4.14 -10.17 4.07
CA LEU A 152 -5.20 -9.20 4.37
C LEU A 152 -6.49 -9.81 4.87
N TYR A 153 -7.03 -10.78 4.16
CA TYR A 153 -8.29 -11.30 4.57
C TYR A 153 -8.24 -12.16 5.85
N SER A 154 -7.20 -12.95 6.00
CA SER A 154 -7.05 -13.77 7.17
C SER A 154 -6.91 -12.84 8.38
N LEU A 155 -6.14 -11.80 8.22
CA LEU A 155 -5.95 -10.83 9.33
C LEU A 155 -7.23 -10.08 9.64
N PHE A 156 -7.98 -9.70 8.62
CA PHE A 156 -9.25 -9.05 8.84
C PHE A 156 -10.18 -9.97 9.64
N GLN A 157 -10.31 -11.24 9.21
CA GLN A 157 -11.14 -12.19 9.95
C GLN A 157 -10.66 -12.32 11.41
N MET A 158 -9.33 -12.40 11.58
CA MET A 158 -8.76 -12.63 12.89
C MET A 158 -9.03 -11.44 13.79
N PHE A 159 -8.78 -10.22 13.33
CA PHE A 159 -8.98 -9.07 14.19
C PHE A 159 -10.46 -8.83 14.47
N GLN A 160 -11.32 -9.02 13.48
CA GLN A 160 -12.70 -8.82 13.73
C GLN A 160 -13.23 -9.84 14.76
N ALA A 161 -12.90 -11.11 14.58
CA ALA A 161 -13.31 -12.16 15.51
C ALA A 161 -12.74 -11.89 16.88
N PHE A 162 -11.44 -11.53 16.96
CA PHE A 162 -10.86 -11.29 18.27
C PHE A 162 -11.59 -10.18 19.01
N MET A 163 -11.96 -9.12 18.29
CA MET A 163 -12.61 -7.99 18.99
C MET A 163 -14.02 -8.39 19.35
N ALA A 164 -14.71 -9.08 18.44
CA ALA A 164 -16.08 -9.39 18.70
C ALA A 164 -16.23 -10.34 19.87
N ASN A 165 -15.30 -11.28 20.02
CA ASN A 165 -15.35 -12.26 21.11
C ASN A 165 -14.51 -11.86 22.32
N LYS A 166 -13.93 -10.67 22.29
CA LYS A 166 -13.11 -10.13 23.36
C LYS A 166 -12.05 -11.11 23.90
N LEU A 167 -11.33 -11.76 22.98
CA LEU A 167 -10.41 -12.78 23.36
C LEU A 167 -9.17 -12.18 24.04
N CYS A 168 -8.74 -11.00 23.58
CA CYS A 168 -7.50 -10.37 23.97
C CYS A 168 -7.70 -8.95 24.40
N PRO A 169 -7.80 -8.73 25.69
CA PRO A 169 -7.80 -7.34 26.17
C PRO A 169 -6.57 -6.55 25.70
N LYS A 170 -5.42 -7.21 25.63
CA LYS A 170 -4.22 -6.68 25.02
C LYS A 170 -3.61 -7.78 24.21
N ALA A 171 -3.01 -7.43 23.08
CA ALA A 171 -2.33 -8.46 22.26
C ALA A 171 -1.18 -7.80 21.58
N GLU A 172 -0.11 -8.58 21.41
CA GLU A 172 1.00 -8.18 20.55
C GLU A 172 0.97 -9.12 19.38
N ILE A 173 0.76 -8.58 18.20
CA ILE A 173 0.55 -9.38 16.99
C ILE A 173 1.79 -9.24 16.10
N LEU A 174 2.41 -10.33 15.71
CA LEU A 174 3.57 -10.32 14.85
C LEU A 174 3.18 -11.04 13.62
N TYR A 175 3.14 -10.29 12.51
CA TYR A 175 2.83 -10.76 11.21
C TYR A 175 4.14 -10.98 10.47
N LEU A 176 4.32 -12.20 9.92
CA LEU A 176 5.49 -12.63 9.18
C LEU A 176 5.15 -13.05 7.77
N TYR A 177 6.05 -12.70 6.85
CA TYR A 177 5.97 -13.18 5.50
C TYR A 177 7.38 -13.44 4.97
N GLU A 178 7.44 -14.33 3.98
CA GLU A 178 8.69 -14.71 3.37
C GLU A 178 8.90 -13.95 2.07
N ASN A 179 10.16 -13.68 1.83
CA ASN A 179 10.61 -13.11 0.57
C ASN A 179 12.02 -13.68 0.30
N ALA A 180 12.57 -13.33 -0.86
CA ALA A 180 13.94 -13.75 -1.21
C ALA A 180 14.62 -12.67 -2.05
N GLU A 181 15.94 -12.68 -1.99
CA GLU A 181 16.79 -11.83 -2.81
C GLU A 181 16.35 -11.98 -4.26
N GLY A 182 16.14 -10.87 -4.97
CA GLY A 182 15.73 -10.90 -6.37
C GLY A 182 14.22 -10.96 -6.56
N GLU A 183 13.46 -11.08 -5.47
CA GLU A 183 12.02 -11.19 -5.53
C GLU A 183 11.33 -10.06 -4.80
N VAL A 184 10.03 -9.91 -5.07
CA VAL A 184 9.23 -8.87 -4.46
C VAL A 184 7.91 -9.44 -3.96
N GLN A 185 7.37 -8.83 -2.92
CA GLN A 185 6.08 -9.22 -2.32
C GLN A 185 5.19 -7.97 -2.06
N PRO A 186 4.64 -7.40 -3.13
CA PRO A 186 3.84 -6.16 -3.00
C PRO A 186 2.63 -6.32 -2.15
N ILE A 187 1.99 -7.47 -2.21
CA ILE A 187 0.82 -7.74 -1.38
C ILE A 187 1.23 -7.95 0.08
N TYR A 188 2.18 -8.84 0.31
CA TYR A 188 2.49 -9.12 1.69
C TYR A 188 3.12 -7.92 2.39
N ASN A 189 3.93 -7.14 1.66
CA ASN A 189 4.59 -5.95 2.21
C ASN A 189 3.54 -4.84 2.60
N ALA A 190 2.44 -4.81 1.86
CA ALA A 190 1.37 -3.80 2.09
C ALA A 190 0.60 -4.00 3.40
N VAL A 191 0.67 -5.19 3.98
CA VAL A 191 0.02 -5.45 5.24
C VAL A 191 0.42 -4.53 6.35
N GLU A 192 1.64 -4.03 6.35
CA GLU A 192 2.09 -3.10 7.32
C GLU A 192 1.11 -1.89 7.45
N SER A 193 0.65 -1.38 6.30
CA SER A 193 -0.27 -0.21 6.24
C SER A 193 -1.59 -0.58 6.90
N PHE A 194 -2.09 -1.81 6.69
CA PHE A 194 -3.28 -2.33 7.38
C PHE A 194 -3.04 -2.39 8.89
N LEU A 195 -1.94 -3.00 9.31
CA LEU A 195 -1.69 -3.19 10.74
C LEU A 195 -1.53 -1.88 11.50
N LYS A 196 -0.90 -0.92 10.89
CA LYS A 196 -0.74 0.40 11.51
C LYS A 196 -2.12 0.98 11.76
N THR A 197 -3.05 0.73 10.85
CA THR A 197 -4.40 1.30 11.10
C THR A 197 -5.21 0.48 12.10
N VAL A 198 -5.05 -0.85 12.13
CA VAL A 198 -5.64 -1.65 13.24
C VAL A 198 -5.19 -1.08 14.58
N GLN A 199 -3.89 -0.83 14.70
CA GLN A 199 -3.36 -0.33 15.92
C GLN A 199 -3.96 1.07 16.26
N ALA A 200 -4.21 1.91 15.25
CA ALA A 200 -4.80 3.25 15.52
C ALA A 200 -6.24 3.07 15.97
N GLU A 201 -6.95 2.07 15.44
CA GLU A 201 -8.30 1.78 15.83
C GLU A 201 -8.40 1.09 17.16
N ASN A 202 -7.45 0.21 17.49
CA ASN A 202 -7.44 -0.45 18.80
C ASN A 202 -6.05 -0.43 19.39
N PRO A 203 -5.75 0.62 20.21
CA PRO A 203 -4.38 0.76 20.67
C PRO A 203 -3.92 -0.33 21.63
N ASN A 204 -4.81 -1.11 22.16
CA ASN A 204 -4.39 -2.29 22.91
C ASN A 204 -3.82 -3.45 22.06
N PHE A 205 -3.94 -3.36 20.73
CA PHE A 205 -3.30 -4.29 19.80
C PHE A 205 -2.01 -3.68 19.27
N THR A 206 -0.88 -4.12 19.77
CA THR A 206 0.38 -3.67 19.24
C THR A 206 0.75 -4.59 18.09
N CYS A 207 0.96 -4.00 16.92
CA CYS A 207 1.06 -4.76 15.69
C CYS A 207 2.41 -4.57 15.06
N LYS A 208 3.08 -5.67 14.75
CA LYS A 208 4.39 -5.62 14.11
C LYS A 208 4.41 -6.45 12.88
N ALA A 209 5.27 -6.09 11.91
CA ALA A 209 5.37 -6.83 10.63
C ALA A 209 6.83 -7.12 10.34
N ALA A 210 7.13 -8.32 9.87
CA ALA A 210 8.54 -8.71 9.66
C ALA A 210 8.64 -9.54 8.36
N GLU A 211 9.51 -9.09 7.46
CA GLU A 211 9.82 -9.77 6.25
C GLU A 211 11.00 -10.71 6.56
N LEU A 212 10.82 -11.93 6.15
CA LEU A 212 11.86 -12.95 6.33
C LEU A 212 12.49 -13.19 4.96
N LYS A 213 13.57 -12.48 4.68
CA LYS A 213 14.18 -12.54 3.35
C LYS A 213 15.38 -13.49 3.31
N SER A 214 15.21 -14.59 2.62
CA SER A 214 16.31 -15.47 2.28
C SER A 214 17.21 -14.81 1.24
N MET A 215 18.50 -14.92 1.43
CA MET A 215 19.46 -14.45 0.45
C MET A 215 20.08 -15.65 -0.31
N PHE A 216 20.69 -15.42 -1.46
CA PHE A 216 21.35 -16.54 -2.16
C PHE A 216 22.47 -17.06 -1.26
N ASP A 217 22.58 -18.35 -1.10
CA ASP A 217 23.57 -18.85 -0.11
C ASP A 217 23.36 -18.41 1.35
N GLU A 218 22.18 -17.95 1.73
CA GLU A 218 21.98 -17.64 3.15
C GLU A 218 20.46 -17.77 3.37
N PRO A 219 19.95 -19.03 3.32
CA PRO A 219 18.51 -19.28 3.49
C PRO A 219 18.06 -19.01 4.90
N PHE A 220 16.79 -18.57 5.03
CA PHE A 220 16.13 -18.52 6.32
C PHE A 220 15.72 -19.91 6.73
N THR A 221 16.37 -20.45 7.71
CA THR A 221 16.01 -21.74 8.27
C THR A 221 14.90 -21.54 9.27
N LYS A 222 14.31 -22.65 9.70
CA LYS A 222 13.26 -22.63 10.73
C LYS A 222 13.78 -22.05 11.98
N GLN A 223 14.99 -22.41 12.35
CA GLN A 223 15.57 -21.82 13.53
C GLN A 223 15.79 -20.33 13.41
N HIS A 224 16.26 -19.83 12.26
CA HIS A 224 16.44 -18.37 12.12
C HIS A 224 15.09 -17.64 12.27
N ILE A 225 14.02 -18.26 11.80
CA ILE A 225 12.69 -17.68 11.97
C ILE A 225 12.34 -17.58 13.47
N ALA A 226 12.56 -18.67 14.21
CA ALA A 226 12.31 -18.67 15.60
C ALA A 226 13.08 -17.62 16.24
N ASP A 227 14.35 -17.45 15.80
CA ASP A 227 15.14 -16.40 16.42
C ASP A 227 14.63 -15.00 16.15
N VAL A 228 14.11 -14.78 14.97
CA VAL A 228 13.48 -13.46 14.66
C VAL A 228 12.26 -13.21 15.52
N ILE A 229 11.44 -14.26 15.72
CA ILE A 229 10.28 -14.13 16.62
C ILE A 229 10.70 -13.74 18.03
N SER A 230 11.69 -14.47 18.57
CA SER A 230 12.17 -14.11 19.90
C SER A 230 12.76 -12.71 20.00
N PHE A 231 13.44 -12.28 18.94
CA PHE A 231 14.02 -10.98 18.90
C PHE A 231 12.90 -9.95 18.94
N GLU A 232 11.85 -10.18 18.15
CA GLU A 232 10.71 -9.26 18.13
C GLU A 232 10.07 -9.19 19.54
N TRP A 233 9.90 -10.36 20.15
CA TRP A 233 9.29 -10.38 21.51
C TRP A 233 10.03 -9.57 22.53
N ASN A 234 11.33 -9.43 22.30
CA ASN A 234 12.19 -8.75 23.24
C ASN A 234 12.69 -7.34 22.81
N ASN A 235 12.13 -6.70 21.78
CA ASN A 235 12.68 -5.40 21.27
C ASN A 235 12.06 -4.04 21.79
N CYS A 241 6.47 -0.08 13.07
CA CYS A 241 5.78 -1.32 12.63
C CYS A 241 6.70 -2.41 12.03
N PHE A 242 7.60 -2.04 11.10
CA PHE A 242 8.07 -2.97 10.13
C PHE A 242 9.57 -3.14 10.22
N THR A 243 10.02 -4.39 10.03
CA THR A 243 11.45 -4.69 9.90
C THR A 243 11.63 -5.69 8.78
N CYS A 244 12.68 -5.52 7.97
CA CYS A 244 13.04 -6.55 7.02
C CYS A 244 14.28 -7.27 7.55
N TYR A 245 14.15 -8.58 7.75
CA TYR A 245 15.20 -9.42 8.28
C TYR A 245 15.83 -10.25 7.21
N GLU A 246 17.16 -10.20 7.14
CA GLU A 246 17.91 -11.23 6.44
C GLU A 246 18.46 -12.08 7.57
N PRO A 247 19.07 -13.23 7.25
CA PRO A 247 19.60 -14.04 8.35
C PRO A 247 20.69 -13.40 9.19
N ARG A 248 21.52 -12.52 8.61
CA ARG A 248 22.60 -11.85 9.39
C ARG A 248 22.48 -10.33 9.66
N HIS A 249 21.49 -9.71 9.06
CA HIS A 249 21.30 -8.25 9.07
C HIS A 249 19.80 -7.95 9.03
N TYR A 250 19.40 -6.80 9.56
CA TYR A 250 18.05 -6.35 9.42
C TYR A 250 18.02 -4.85 9.15
N TYR A 251 16.92 -4.42 8.60
CA TYR A 251 16.78 -3.00 8.31
C TYR A 251 15.36 -2.47 8.50
N LYS A 252 15.33 -1.21 8.93
CA LYS A 252 14.13 -0.49 9.18
C LYS A 252 14.13 0.80 8.35
N ARG A 253 12.95 1.35 8.15
CA ARG A 253 12.79 2.47 7.26
C ARG A 253 11.92 3.56 7.87
N GLN A 254 12.19 4.80 7.45
CA GLN A 254 11.30 5.92 7.82
C GLN A 254 11.38 7.00 6.77
N LEU A 255 10.32 7.80 6.68
CA LEU A 255 10.25 8.89 5.72
C LEU A 255 11.14 10.01 6.19
N GLN A 256 11.91 10.58 5.29
CA GLN A 256 12.73 11.73 5.60
C GLN A 256 12.65 12.64 4.42
N ARG A 257 12.85 13.95 4.66
CA ARG A 257 12.78 14.88 3.56
C ARG A 257 13.78 14.53 2.47
N VAL A 258 13.41 14.67 1.23
CA VAL A 258 14.38 14.49 0.14
C VAL A 258 15.51 15.54 0.16
N LYS A 259 16.65 15.17 -0.43
CA LYS A 259 17.82 16.05 -0.51
C LYS A 259 17.72 16.94 -1.74
N LYS A 260 18.40 18.08 -1.77
CA LYS A 260 18.62 18.72 -3.11
C LYS A 260 19.93 18.20 -3.69
N SER A 267 13.70 17.93 -16.09
CA SER A 267 12.40 18.65 -16.20
C SER A 267 11.28 18.02 -17.07
N PHE A 268 10.26 17.47 -16.42
CA PHE A 268 9.26 16.62 -17.05
C PHE A 268 8.21 17.31 -17.93
N SER A 269 7.90 16.68 -19.06
CA SER A 269 6.81 17.12 -19.91
C SER A 269 6.31 15.98 -20.74
N VAL A 270 5.00 15.98 -20.96
CA VAL A 270 4.44 15.12 -21.98
C VAL A 270 4.90 15.67 -23.35
N LYS A 271 4.77 14.83 -24.37
CA LYS A 271 5.33 15.07 -25.68
C LYS A 271 4.20 15.35 -26.64
N LYS A 272 4.50 16.21 -27.63
CA LYS A 272 3.61 16.41 -28.73
C LYS A 272 3.26 15.09 -29.39
N ASN A 273 1.95 14.89 -29.61
CA ASN A 273 1.36 13.67 -30.11
C ASN A 273 1.47 12.43 -29.16
N GLY A 274 1.95 12.64 -27.95
CA GLY A 274 1.98 11.54 -26.96
C GLY A 274 0.53 11.07 -26.63
N VAL A 275 0.36 9.78 -26.36
CA VAL A 275 -0.91 9.20 -26.01
C VAL A 275 -0.85 8.79 -24.53
N TYR A 276 -1.77 9.36 -23.72
CA TYR A 276 -1.81 9.17 -22.25
C TYR A 276 -3.15 8.68 -21.72
N LEU A 277 -3.09 7.69 -20.82
CA LEU A 277 -4.28 7.13 -20.18
C LEU A 277 -4.33 7.61 -18.77
N ILE A 278 -5.47 8.14 -18.36
CA ILE A 278 -5.69 8.50 -16.99
C ILE A 278 -6.87 7.71 -16.52
N THR A 279 -6.59 6.79 -15.61
CA THR A 279 -7.67 6.04 -14.97
C THR A 279 -8.26 6.90 -13.86
N GLY A 280 -9.56 6.74 -13.64
CA GLY A 280 -10.27 7.74 -12.81
C GLY A 280 -10.15 9.15 -13.39
N GLY A 281 -10.08 9.19 -14.72
CA GLY A 281 -9.79 10.38 -15.51
C GLY A 281 -10.89 11.44 -15.49
N ALA A 282 -12.11 11.05 -15.15
CA ALA A 282 -13.19 12.03 -14.95
C ALA A 282 -13.36 12.47 -13.47
N GLY A 283 -12.64 11.84 -12.53
CA GLY A 283 -12.69 12.18 -11.10
C GLY A 283 -11.87 13.45 -10.82
N GLY A 284 -11.81 13.85 -9.59
CA GLY A 284 -11.20 15.09 -9.19
C GLY A 284 -9.74 15.23 -9.59
N LEU A 285 -8.87 14.40 -9.04
CA LEU A 285 -7.45 14.52 -9.38
C LEU A 285 -7.19 14.12 -10.80
N GLY A 286 -7.85 13.07 -11.23
CA GLY A 286 -7.67 12.56 -12.63
C GLY A 286 -7.87 13.67 -13.69
N TYR A 287 -8.95 14.43 -13.52
CA TYR A 287 -9.29 15.52 -14.43
C TYR A 287 -8.37 16.71 -14.24
N LEU A 288 -7.94 17.02 -13.02
CA LEU A 288 -7.05 18.11 -12.72
C LEU A 288 -5.72 17.83 -13.44
N PHE A 289 -5.21 16.61 -13.36
CA PHE A 289 -4.06 16.21 -14.18
C PHE A 289 -4.31 16.18 -15.70
N ALA A 290 -5.50 15.81 -16.14
CA ALA A 290 -5.73 15.80 -17.60
C ALA A 290 -5.58 17.25 -18.16
N GLU A 291 -6.13 18.23 -17.46
CA GLU A 291 -6.01 19.61 -17.93
C GLU A 291 -4.54 20.05 -17.89
N TYR A 292 -3.85 19.71 -16.81
CA TYR A 292 -2.44 20.01 -16.67
C TYR A 292 -1.61 19.48 -17.81
N LEU A 293 -1.89 18.23 -18.19
CA LEU A 293 -1.14 17.59 -19.30
C LEU A 293 -1.52 18.17 -20.68
N ALA A 294 -2.79 18.48 -20.86
CA ALA A 294 -3.27 19.15 -22.09
C ALA A 294 -2.61 20.52 -22.30
N LYS A 295 -2.26 21.21 -21.22
CA LYS A 295 -1.60 22.46 -21.34
C LYS A 295 -0.10 22.36 -21.66
N GLN A 296 0.50 21.21 -21.43
CA GLN A 296 1.92 21.05 -21.72
C GLN A 296 2.19 20.82 -23.20
N ALA A 297 1.27 20.23 -23.92
CA ALA A 297 1.56 19.86 -25.27
C ALA A 297 0.30 19.40 -25.89
N GLU A 298 0.30 19.30 -27.21
CA GLU A 298 -0.84 18.76 -27.93
C GLU A 298 -0.83 17.28 -27.88
N VAL A 299 -1.57 16.75 -26.91
CA VAL A 299 -1.61 15.33 -26.70
C VAL A 299 -2.90 14.69 -27.04
N LYS A 300 -2.89 13.35 -26.98
CA LYS A 300 -4.09 12.54 -27.01
C LYS A 300 -4.34 11.94 -25.61
N LEU A 301 -5.52 12.21 -25.03
CA LEU A 301 -5.84 11.74 -23.68
C LEU A 301 -6.98 10.75 -23.70
N ILE A 302 -6.84 9.63 -22.98
CA ILE A 302 -7.99 8.71 -22.77
C ILE A 302 -8.30 8.70 -21.29
N LEU A 303 -9.51 9.15 -20.92
CA LEU A 303 -9.96 9.20 -19.51
C LEU A 303 -10.82 7.99 -19.34
N THR A 304 -10.60 7.24 -18.25
CA THR A 304 -11.34 6.01 -18.01
C THR A 304 -11.91 6.05 -16.62
N GLY A 305 -13.17 5.64 -16.53
CA GLY A 305 -13.86 5.37 -15.24
C GLY A 305 -14.90 4.29 -15.54
N ARG A 306 -15.55 3.77 -14.51
CA ARG A 306 -16.53 2.70 -14.70
C ARG A 306 -17.85 3.24 -15.29
N SER A 307 -18.21 4.45 -14.88
CA SER A 307 -19.52 5.02 -15.23
C SER A 307 -19.69 5.26 -16.73
N PRO A 308 -20.94 5.14 -17.21
CA PRO A 308 -21.22 5.55 -18.62
C PRO A 308 -20.98 7.00 -18.88
N ALA A 309 -20.85 7.33 -20.16
CA ALA A 309 -20.73 8.74 -20.53
C ALA A 309 -21.94 9.57 -20.09
N SER A 310 -21.71 10.81 -19.73
CA SER A 310 -22.77 11.63 -19.26
C SER A 310 -22.56 13.03 -19.86
N ARG A 311 -23.41 13.96 -19.52
CA ARG A 311 -23.21 15.31 -19.98
C ARG A 311 -21.94 15.92 -19.38
N GLU A 312 -21.66 15.63 -18.12
CA GLU A 312 -20.44 16.11 -17.52
C GLU A 312 -19.17 15.51 -18.14
N THR A 313 -19.17 14.22 -18.45
CA THR A 313 -18.00 13.70 -19.14
C THR A 313 -17.81 14.40 -20.49
N ALA A 314 -18.90 14.72 -21.18
CA ALA A 314 -18.79 15.43 -22.49
C ALA A 314 -18.21 16.81 -22.34
N GLN A 315 -18.65 17.52 -21.33
CA GLN A 315 -18.15 18.82 -21.02
C GLN A 315 -16.63 18.76 -20.76
N LYS A 316 -16.19 17.72 -20.05
CA LYS A 316 -14.77 17.59 -19.73
C LYS A 316 -13.97 17.37 -20.99
N LEU A 317 -14.44 16.50 -21.86
CA LEU A 317 -13.76 16.23 -23.06
C LEU A 317 -13.66 17.52 -23.92
N SER A 318 -14.76 18.28 -23.94
CA SER A 318 -14.76 19.52 -24.70
C SER A 318 -13.76 20.53 -24.19
N ALA A 319 -13.67 20.65 -22.87
CA ALA A 319 -12.76 21.60 -22.23
C ALA A 319 -11.33 21.19 -22.56
N LEU A 320 -11.09 19.89 -22.66
CA LEU A 320 -9.75 19.40 -22.96
C LEU A 320 -9.43 19.64 -24.42
N GLU A 321 -10.38 19.41 -25.31
CA GLU A 321 -10.15 19.66 -26.74
C GLU A 321 -9.98 21.15 -26.94
N ASN A 322 -10.59 22.00 -26.11
CA ASN A 322 -10.30 23.40 -26.27
C ASN A 322 -8.89 23.74 -25.93
N LEU A 323 -8.19 22.91 -25.15
CA LEU A 323 -6.81 23.21 -24.78
C LEU A 323 -5.79 22.62 -25.79
N GLY A 324 -6.28 22.00 -26.84
CA GLY A 324 -5.37 21.49 -27.82
C GLY A 324 -5.37 19.99 -27.89
N ALA A 325 -5.96 19.31 -26.91
CA ALA A 325 -5.88 17.86 -26.89
C ALA A 325 -6.90 17.23 -27.78
N GLU A 326 -6.67 15.98 -28.09
CA GLU A 326 -7.72 15.12 -28.54
C GLU A 326 -8.07 14.23 -27.29
N ALA A 327 -9.32 13.99 -26.99
CA ALA A 327 -9.67 13.36 -25.70
C ALA A 327 -10.85 12.46 -25.85
N LEU A 328 -10.75 11.23 -25.33
CA LEU A 328 -11.84 10.31 -25.32
C LEU A 328 -12.16 9.96 -23.87
N TYR A 329 -13.42 9.63 -23.63
CA TYR A 329 -13.85 8.99 -22.38
C TYR A 329 -14.23 7.59 -22.72
N VAL A 330 -13.56 6.62 -22.12
CA VAL A 330 -13.81 5.25 -22.43
C VAL A 330 -14.11 4.53 -21.12
N PRO A 331 -15.39 4.13 -20.92
CA PRO A 331 -15.82 3.40 -19.73
C PRO A 331 -15.12 2.04 -19.62
N ALA A 332 -14.63 1.71 -18.42
CA ALA A 332 -14.02 0.41 -18.17
C ALA A 332 -13.83 0.25 -16.68
N ASP A 333 -13.97 -0.98 -16.22
CA ASP A 333 -13.69 -1.30 -14.83
C ASP A 333 -12.26 -1.90 -14.85
N ILE A 334 -11.27 -1.09 -14.53
CA ILE A 334 -9.90 -1.56 -14.71
C ILE A 334 -9.46 -2.61 -13.70
N SER A 335 -10.29 -2.94 -12.70
CA SER A 335 -10.06 -4.11 -11.82
C SER A 335 -10.36 -5.44 -12.49
N LYS A 336 -10.96 -5.38 -13.68
CA LYS A 336 -11.30 -6.61 -14.42
C LYS A 336 -10.27 -6.79 -15.53
N GLU A 337 -9.51 -7.87 -15.43
CA GLU A 337 -8.37 -8.10 -16.24
C GLU A 337 -8.70 -7.94 -17.73
N LYS A 338 -9.79 -8.53 -18.17
CA LYS A 338 -10.15 -8.49 -19.61
C LYS A 338 -10.61 -7.15 -20.09
N GLU A 339 -11.20 -6.37 -19.20
CA GLU A 339 -11.62 -5.03 -19.58
C GLU A 339 -10.40 -4.15 -19.76
N THR A 340 -9.43 -4.30 -18.86
CA THR A 340 -8.22 -3.52 -18.92
C THR A 340 -7.42 -3.92 -20.17
N ASP A 341 -7.38 -5.19 -20.48
CA ASP A 341 -6.72 -5.63 -21.69
C ASP A 341 -7.38 -5.04 -22.94
N ALA A 342 -8.71 -5.12 -23.00
CA ALA A 342 -9.49 -4.54 -24.10
C ALA A 342 -9.23 -3.08 -24.21
N LEU A 343 -9.09 -2.38 -23.07
CA LEU A 343 -8.84 -0.96 -23.04
C LEU A 343 -7.47 -0.60 -23.74
N ILE A 344 -6.39 -1.28 -23.35
CA ILE A 344 -5.07 -1.00 -23.91
C ILE A 344 -5.08 -1.35 -25.42
N LYS A 345 -5.68 -2.46 -25.78
CA LYS A 345 -5.84 -2.82 -27.21
C LYS A 345 -6.55 -1.75 -28.03
N TYR A 346 -7.59 -1.16 -27.47
CA TYR A 346 -8.35 -0.14 -28.15
C TYR A 346 -7.54 1.11 -28.31
N ILE A 347 -6.74 1.43 -27.30
CA ILE A 347 -5.91 2.61 -27.37
C ILE A 347 -4.84 2.38 -28.47
N LYS A 348 -4.29 1.16 -28.51
CA LYS A 348 -3.25 0.85 -29.52
C LYS A 348 -3.79 0.94 -30.94
N GLN A 349 -4.90 0.27 -31.17
CA GLN A 349 -5.64 0.32 -32.44
C GLN A 349 -6.09 1.71 -32.80
N THR A 350 -6.54 2.50 -31.85
CA THR A 350 -7.02 3.86 -32.13
C THR A 350 -5.89 4.90 -32.32
N PHE A 351 -4.81 4.83 -31.54
CA PHE A 351 -3.81 5.87 -31.60
C PHE A 351 -2.45 5.32 -31.97
N GLY A 352 -2.34 4.00 -32.19
CA GLY A 352 -1.05 3.39 -32.58
C GLY A 352 -0.22 2.92 -31.40
N GLU A 353 -0.22 3.68 -30.31
CA GLU A 353 0.54 3.30 -29.10
C GLU A 353 0.13 4.09 -27.85
N LEU A 354 0.68 3.65 -26.71
CA LEU A 354 0.47 4.31 -25.41
C LEU A 354 1.81 4.74 -24.88
N ASN A 355 1.93 5.98 -24.48
CA ASN A 355 3.18 6.51 -23.95
C ASN A 355 3.17 6.81 -22.50
N GLY A 356 2.03 6.70 -21.80
CA GLY A 356 2.06 7.02 -20.37
C GLY A 356 0.75 6.67 -19.68
N ILE A 357 0.83 6.31 -18.38
CA ILE A 357 -0.35 5.98 -17.56
C ILE A 357 -0.24 6.78 -16.24
N LEU A 358 -1.34 7.47 -15.88
CA LEU A 358 -1.55 8.03 -14.56
C LEU A 358 -2.71 7.25 -14.00
N HIS A 359 -2.45 6.54 -12.90
CA HIS A 359 -3.48 5.62 -12.33
C HIS A 359 -4.10 6.27 -11.13
N SER A 360 -5.29 6.88 -11.36
CA SER A 360 -5.94 7.70 -10.32
C SER A 360 -7.24 7.04 -9.86
N ALA A 361 -7.64 5.94 -10.49
CA ALA A 361 -8.83 5.24 -10.11
C ALA A 361 -8.75 4.79 -8.66
N GLY A 362 -9.84 4.96 -7.96
CA GLY A 362 -9.92 4.60 -6.56
C GLY A 362 -11.25 4.93 -5.93
N LEU A 363 -11.48 4.30 -4.78
CA LEU A 363 -12.61 4.67 -3.96
C LEU A 363 -12.32 4.53 -2.51
N VAL A 364 -13.15 5.18 -1.73
CA VAL A 364 -12.99 5.29 -0.33
C VAL A 364 -14.31 4.81 0.25
N LYS A 365 -14.27 3.98 1.27
CA LYS A 365 -15.49 3.55 1.99
C LYS A 365 -15.02 3.35 3.38
N ASP A 366 -14.83 4.44 4.09
CA ASP A 366 -14.26 4.38 5.44
C ASP A 366 -15.19 3.64 6.42
N ALA A 367 -14.61 2.78 7.26
CA ALA A 367 -15.28 2.10 8.38
C ALA A 367 -14.17 1.41 9.19
N PHE A 368 -14.35 1.39 10.50
CA PHE A 368 -13.46 0.70 11.38
C PHE A 368 -13.54 -0.78 11.02
N ILE A 369 -12.45 -1.50 11.31
CA ILE A 369 -12.38 -2.93 11.09
C ILE A 369 -13.56 -3.67 11.71
N ILE A 370 -13.98 -3.25 12.90
CA ILE A 370 -15.13 -3.91 13.60
C ILE A 370 -16.42 -3.83 12.79
N LYS A 371 -16.56 -2.84 11.91
CA LYS A 371 -17.75 -2.64 11.07
C LYS A 371 -17.55 -2.95 9.60
N LYS A 372 -16.32 -3.21 9.19
CA LYS A 372 -16.10 -3.58 7.80
C LYS A 372 -16.68 -4.91 7.50
N THR A 373 -17.00 -5.08 6.24
CA THR A 373 -17.30 -6.41 5.69
C THR A 373 -16.31 -6.75 4.64
N LYS A 374 -16.22 -8.03 4.37
CA LYS A 374 -15.31 -8.52 3.39
C LYS A 374 -15.58 -7.91 2.05
N GLU A 375 -16.86 -7.77 1.71
CA GLU A 375 -17.26 -7.17 0.46
C GLU A 375 -16.84 -5.73 0.28
N SER A 376 -16.89 -4.96 1.35
CA SER A 376 -16.45 -3.60 1.33
C SER A 376 -14.95 -3.50 1.08
N ILE A 377 -14.19 -4.33 1.76
CA ILE A 377 -12.71 -4.44 1.52
C ILE A 377 -12.46 -4.78 0.05
N GLU A 378 -13.13 -5.80 -0.49
CA GLU A 378 -12.96 -6.19 -1.91
C GLU A 378 -13.18 -5.02 -2.85
N GLU A 379 -14.22 -4.23 -2.57
CA GLU A 379 -14.49 -3.03 -3.36
C GLU A 379 -13.44 -2.00 -3.29
N VAL A 380 -12.97 -1.68 -2.10
CA VAL A 380 -11.95 -0.64 -1.95
C VAL A 380 -10.63 -1.04 -2.59
N ILE A 381 -10.23 -2.30 -2.45
CA ILE A 381 -8.91 -2.69 -2.96
C ILE A 381 -8.89 -2.94 -4.47
N ALA A 382 -10.04 -3.23 -5.08
CA ALA A 382 -10.07 -3.68 -6.47
C ALA A 382 -9.26 -2.79 -7.42
N PRO A 383 -9.48 -1.45 -7.39
CA PRO A 383 -8.77 -0.70 -8.44
C PRO A 383 -7.27 -0.52 -8.25
N LYS A 384 -6.84 -0.52 -6.99
CA LYS A 384 -5.47 -0.21 -6.61
C LYS A 384 -4.61 -1.49 -6.46
N VAL A 385 -5.23 -2.61 -6.14
CA VAL A 385 -4.48 -3.89 -6.09
C VAL A 385 -4.56 -4.56 -7.45
N PHE A 386 -5.74 -5.06 -7.82
CA PHE A 386 -5.88 -5.76 -9.10
C PHE A 386 -5.76 -4.83 -10.28
N GLY A 387 -6.36 -3.65 -10.19
CA GLY A 387 -6.35 -2.71 -11.32
C GLY A 387 -4.94 -2.31 -11.73
N THR A 388 -4.14 -1.96 -10.74
CA THR A 388 -2.76 -1.60 -10.99
C THR A 388 -2.03 -2.71 -11.73
N VAL A 389 -2.24 -3.95 -11.27
CA VAL A 389 -1.53 -5.11 -11.86
C VAL A 389 -1.99 -5.32 -13.27
N TRP A 390 -3.29 -5.18 -13.49
CA TRP A 390 -3.82 -5.38 -14.83
C TRP A 390 -3.36 -4.35 -15.82
N LEU A 391 -3.17 -3.12 -15.34
CA LEU A 391 -2.69 -2.03 -16.20
C LEU A 391 -1.24 -2.30 -16.60
N ASP A 392 -0.42 -2.69 -15.64
CA ASP A 392 0.95 -3.04 -15.96
C ASP A 392 0.98 -4.23 -16.94
N LYS A 393 0.17 -5.24 -16.69
CA LYS A 393 0.14 -6.47 -17.44
C LYS A 393 -0.31 -6.20 -18.89
N ALA A 394 -1.45 -5.52 -19.05
CA ALA A 394 -1.92 -5.19 -20.41
C ALA A 394 -0.96 -4.29 -21.17
N ALA A 395 -0.21 -3.43 -20.48
CA ALA A 395 0.64 -2.47 -21.14
C ALA A 395 2.10 -2.88 -21.18
N GLU A 396 2.36 -4.15 -20.87
CA GLU A 396 3.71 -4.69 -20.76
C GLU A 396 4.61 -4.32 -21.95
N GLU A 397 4.08 -4.49 -23.17
CA GLU A 397 4.84 -4.24 -24.41
C GLU A 397 4.76 -2.77 -24.90
N GLU A 398 4.07 -1.86 -24.20
CA GLU A 398 3.96 -0.51 -24.67
C GLU A 398 5.16 0.33 -24.27
N PRO A 399 5.54 1.28 -25.15
CA PRO A 399 6.73 2.11 -24.90
C PRO A 399 6.38 3.25 -23.91
N LEU A 400 6.11 2.88 -22.66
CA LEU A 400 5.66 3.89 -21.71
C LEU A 400 6.85 4.73 -21.31
N ASP A 401 6.66 6.01 -21.31
CA ASP A 401 7.57 6.94 -20.70
C ASP A 401 7.36 7.01 -19.19
N PHE A 402 6.13 6.75 -18.74
CA PHE A 402 5.82 6.81 -17.30
C PHE A 402 4.61 5.97 -16.95
N PHE A 403 4.67 5.46 -15.72
CA PHE A 403 3.57 4.68 -15.10
C PHE A 403 3.54 5.21 -13.68
N VAL A 404 2.54 6.05 -13.39
CA VAL A 404 2.48 6.78 -12.13
C VAL A 404 1.22 6.39 -11.38
N MET A 405 1.41 5.91 -10.16
CA MET A 405 0.34 5.51 -9.28
C MET A 405 0.03 6.64 -8.26
N PHE A 406 -1.25 7.02 -8.18
CA PHE A 406 -1.73 8.03 -7.18
C PHE A 406 -2.09 7.31 -5.89
N SER A 407 -1.09 7.23 -5.02
CA SER A 407 -1.22 6.55 -3.78
C SER A 407 -1.63 7.59 -2.71
N SER A 408 -1.55 7.22 -1.45
CA SER A 408 -2.04 8.02 -0.38
C SER A 408 -1.08 7.95 0.75
N LEU A 409 -0.94 9.08 1.42
CA LEU A 409 -0.25 9.18 2.66
C LEU A 409 -0.83 8.28 3.76
N SER A 410 -2.08 7.85 3.63
CA SER A 410 -2.66 6.85 4.51
C SER A 410 -1.88 5.51 4.51
N ALA A 411 -1.10 5.23 3.45
CA ALA A 411 -0.27 3.99 3.42
C ALA A 411 0.83 4.03 4.46
N VAL A 412 1.19 5.24 4.84
CA VAL A 412 2.29 5.48 5.74
C VAL A 412 1.88 6.02 7.10
N LEU A 413 0.86 6.89 7.14
CA LEU A 413 0.37 7.43 8.38
C LEU A 413 -1.15 7.22 8.31
N PRO A 414 -1.63 6.04 8.66
CA PRO A 414 -3.08 5.93 8.41
C PRO A 414 -3.95 6.50 9.52
N ASN A 415 -5.20 6.69 9.19
CA ASN A 415 -6.14 7.07 10.18
C ASN A 415 -7.08 5.96 10.35
N ALA A 416 -7.56 5.90 11.57
CA ALA A 416 -8.64 5.03 11.93
C ALA A 416 -9.74 5.02 10.85
N GLY A 417 -10.20 3.86 10.45
CA GLY A 417 -11.22 3.77 9.42
C GLY A 417 -10.76 3.53 7.98
N GLN A 418 -9.47 3.61 7.73
CA GLN A 418 -8.96 3.51 6.35
C GLN A 418 -8.12 2.25 6.18
N SER A 419 -8.38 1.18 6.91
CA SER A 419 -7.40 0.06 6.94
C SER A 419 -7.16 -0.60 5.53
N ASP A 420 -8.22 -0.83 4.79
CA ASP A 420 -8.19 -1.48 3.51
C ASP A 420 -7.71 -0.50 2.45
N TYR A 421 -8.10 0.76 2.61
CA TYR A 421 -7.61 1.84 1.72
C TYR A 421 -6.10 2.03 1.86
N ALA A 422 -5.62 2.05 3.10
CA ALA A 422 -4.22 2.19 3.40
C ALA A 422 -3.45 1.01 2.79
N PHE A 423 -3.99 -0.21 2.96
CA PHE A 423 -3.40 -1.41 2.36
C PHE A 423 -3.32 -1.29 0.83
N ALA A 424 -4.45 -0.95 0.21
CA ALA A 424 -4.52 -0.89 -1.23
C ALA A 424 -3.45 0.11 -1.81
N ASN A 425 -3.29 1.25 -1.17
CA ASN A 425 -2.35 2.21 -1.62
C ASN A 425 -0.93 1.67 -1.38
N GLY A 426 -0.73 1.01 -0.23
CA GLY A 426 0.58 0.47 0.12
C GLY A 426 0.99 -0.60 -0.86
N CYS A 427 0.02 -1.31 -1.41
CA CYS A 427 0.27 -2.29 -2.44
C CYS A 427 0.85 -1.67 -3.74
N MET A 428 0.31 -0.54 -4.20
CA MET A 428 0.93 0.18 -5.29
C MET A 428 2.34 0.61 -4.99
N ASP A 429 2.57 1.12 -3.78
CA ASP A 429 3.87 1.56 -3.38
C ASP A 429 4.93 0.41 -3.55
N GLY A 430 4.59 -0.79 -3.11
CA GLY A 430 5.44 -1.96 -3.28
C GLY A 430 5.50 -2.50 -4.71
N PHE A 431 4.44 -2.26 -5.49
CA PHE A 431 4.40 -2.74 -6.85
C PHE A 431 5.45 -2.09 -7.73
N THR A 432 5.89 -0.88 -7.33
CA THR A 432 6.93 -0.21 -8.04
C THR A 432 8.16 -1.15 -8.18
N GLN A 433 8.44 -1.96 -7.16
CA GLN A 433 9.60 -2.85 -7.20
C GLN A 433 9.40 -4.00 -8.18
N TYR A 434 8.16 -4.40 -8.44
CA TYR A 434 7.88 -5.41 -9.41
C TYR A 434 8.20 -4.89 -10.79
N ARG A 435 7.79 -3.66 -11.07
CA ARG A 435 8.04 -3.10 -12.39
C ARG A 435 9.55 -2.98 -12.66
N SER A 436 10.28 -2.60 -11.63
CA SER A 436 11.72 -2.51 -11.65
C SER A 436 12.31 -3.89 -11.92
N MET A 437 11.90 -4.87 -11.12
CA MET A 437 12.40 -6.24 -11.24
C MET A 437 12.22 -6.74 -12.66
N LYS A 438 11.11 -6.40 -13.28
CA LYS A 438 10.80 -6.89 -14.59
C LYS A 438 11.45 -6.04 -15.70
N GLY A 439 12.12 -4.96 -15.34
CA GLY A 439 12.78 -4.10 -16.30
C GLY A 439 11.82 -3.33 -17.19
N ARG A 440 10.71 -2.88 -16.63
CA ARG A 440 9.78 -2.06 -17.42
C ARG A 440 10.40 -0.76 -17.81
N PRO A 441 10.18 -0.35 -19.07
CA PRO A 441 10.76 0.90 -19.49
C PRO A 441 10.07 2.14 -18.93
N GLY A 442 10.77 3.25 -19.00
CA GLY A 442 10.30 4.51 -18.49
C GLY A 442 10.31 4.64 -16.97
N LYS A 443 9.68 5.69 -16.48
CA LYS A 443 9.67 6.04 -15.09
C LYS A 443 8.50 5.34 -14.40
N THR A 444 8.80 4.70 -13.28
CA THR A 444 7.80 4.09 -12.41
C THR A 444 7.78 4.93 -11.13
N LEU A 445 6.58 5.37 -10.70
CA LEU A 445 6.52 6.18 -9.51
C LEU A 445 5.16 6.00 -8.83
N SER A 446 5.19 5.84 -7.51
CA SER A 446 4.04 5.90 -6.70
C SER A 446 4.17 7.13 -5.85
N ILE A 447 3.12 7.99 -5.85
CA ILE A 447 3.11 9.20 -5.05
C ILE A 447 2.12 9.09 -3.88
N ASN A 448 2.60 9.18 -2.65
CA ASN A 448 1.71 9.13 -1.51
C ASN A 448 1.17 10.59 -1.27
N TRP A 449 0.06 10.86 -1.92
CA TRP A 449 -0.61 12.16 -1.76
C TRP A 449 -1.32 12.34 -0.41
N PRO A 450 -1.21 13.53 0.18
CA PRO A 450 -2.05 13.90 1.29
C PRO A 450 -3.42 14.40 0.75
N LEU A 451 -4.27 14.89 1.66
CA LEU A 451 -5.57 15.49 1.26
C LEU A 451 -5.37 16.78 0.49
N TRP A 452 -6.03 16.83 -0.64
CA TRP A 452 -5.98 17.97 -1.52
C TRP A 452 -7.23 18.86 -1.28
N ASP A 453 -7.05 20.14 -1.53
CA ASP A 453 -8.12 21.17 -1.65
C ASP A 453 -8.37 21.33 -3.17
N ALA A 454 -9.01 20.33 -3.77
CA ALA A 454 -9.28 20.24 -5.24
C ALA A 454 -10.04 18.95 -5.57
N GLY A 455 -10.87 19.02 -6.62
CA GLY A 455 -11.80 17.95 -7.00
C GLY A 455 -13.24 18.43 -6.90
N ALA A 466 -9.19 19.30 12.41
CA ALA A 466 -8.65 18.07 12.98
C ALA A 466 -7.18 18.00 12.58
N LEU A 467 -7.00 17.95 11.26
CA LEU A 467 -5.77 18.25 10.52
C LEU A 467 -5.11 19.55 11.00
N ARG A 468 -5.95 20.47 11.47
CA ARG A 468 -5.56 21.74 12.10
C ARG A 468 -4.60 21.53 13.25
N HIS A 469 -5.05 20.75 14.24
CA HIS A 469 -4.29 20.44 15.45
C HIS A 469 -2.94 19.81 15.08
N ALA A 470 -2.93 19.01 14.02
CA ALA A 470 -1.73 18.30 13.56
C ALA A 470 -0.61 19.25 13.09
N GLY A 471 -0.94 20.44 12.59
CA GLY A 471 0.04 21.30 11.93
C GLY A 471 0.14 21.02 10.42
N LEU A 472 -0.90 20.40 9.88
CA LEU A 472 -0.95 20.08 8.47
C LEU A 472 -1.94 21.01 7.81
N GLU A 473 -1.87 21.09 6.49
CA GLU A 473 -2.72 21.93 5.69
C GLU A 473 -3.11 21.14 4.48
N LEU A 474 -4.23 21.51 3.88
CA LEU A 474 -4.62 20.92 2.63
C LEU A 474 -3.61 21.30 1.55
N LEU A 475 -3.43 20.40 0.60
CA LEU A 475 -2.55 20.65 -0.53
C LEU A 475 -3.36 21.37 -1.62
N SER A 476 -2.92 22.55 -2.04
CA SER A 476 -3.64 23.27 -3.07
C SER A 476 -3.35 22.65 -4.41
N ALA A 477 -4.25 22.88 -5.37
CA ALA A 477 -4.09 22.39 -6.74
C ALA A 477 -2.72 22.68 -7.33
N GLN A 478 -2.27 23.93 -7.25
CA GLN A 478 -0.99 24.29 -7.80
C GLN A 478 0.20 23.67 -7.09
N ALA A 479 0.17 23.68 -5.78
CA ALA A 479 1.21 23.06 -5.00
C ALA A 479 1.36 21.54 -5.36
N GLY A 480 0.23 20.88 -5.59
CA GLY A 480 0.16 19.45 -5.85
C GLY A 480 0.66 19.17 -7.26
N LEU A 481 0.24 20.00 -8.20
CA LEU A 481 0.80 19.90 -9.56
C LEU A 481 2.26 20.09 -9.60
N ALA A 482 2.76 21.05 -8.83
CA ALA A 482 4.17 21.27 -8.83
C ALA A 482 4.95 20.12 -8.09
N ALA A 483 4.35 19.55 -7.06
CA ALA A 483 4.97 18.42 -6.35
C ALA A 483 5.11 17.25 -7.33
N PHE A 484 4.11 17.05 -8.16
CA PHE A 484 4.15 16.04 -9.19
C PHE A 484 5.27 16.32 -10.16
N GLN A 485 5.30 17.55 -10.64
CA GLN A 485 6.38 18.02 -11.51
C GLN A 485 7.75 17.77 -10.90
N ASP A 486 7.94 18.13 -9.64
CA ASP A 486 9.22 17.89 -9.00
C ASP A 486 9.52 16.37 -8.88
N SER A 487 8.52 15.64 -8.42
CA SER A 487 8.63 14.18 -8.20
C SER A 487 9.09 13.48 -9.45
N MET A 488 8.56 13.89 -10.58
CA MET A 488 8.85 13.24 -11.85
C MET A 488 10.30 13.43 -12.32
N SER A 489 11.00 14.42 -11.77
CA SER A 489 12.35 14.75 -12.20
C SER A 489 13.36 14.10 -11.22
N ARG A 490 12.87 13.41 -10.22
CA ARG A 490 13.77 12.81 -9.25
C ARG A 490 13.97 11.35 -9.58
N SER A 491 14.80 10.66 -8.81
CA SER A 491 15.07 9.24 -9.09
C SER A 491 14.33 8.27 -8.16
N ALA A 492 13.71 8.74 -7.09
CA ALA A 492 12.99 7.83 -6.22
C ALA A 492 11.77 7.24 -6.94
N SER A 493 11.49 5.98 -6.66
CA SER A 493 10.29 5.36 -7.25
C SER A 493 9.07 5.44 -6.31
N GLN A 494 9.28 5.87 -5.08
CA GLN A 494 8.18 6.18 -4.15
C GLN A 494 8.47 7.50 -3.46
N LEU A 495 7.53 8.45 -3.57
CA LEU A 495 7.67 9.74 -2.89
C LEU A 495 6.36 10.10 -2.20
N ALA A 496 6.47 10.57 -0.97
CA ALA A 496 5.35 11.08 -0.20
C ALA A 496 5.35 12.62 -0.22
N VAL A 497 4.16 13.18 -0.36
CA VAL A 497 3.96 14.62 -0.38
C VAL A 497 3.20 14.94 0.88
N ILE A 498 3.77 15.78 1.73
CA ILE A 498 3.17 16.23 2.96
C ILE A 498 3.12 17.78 3.00
N SER A 499 1.93 18.31 3.27
CA SER A 499 1.61 19.75 3.22
C SER A 499 1.39 20.28 4.66
N GLY A 500 2.22 21.23 5.05
CA GLY A 500 2.17 21.83 6.37
C GLY A 500 3.50 22.41 6.83
N ASP A 501 3.65 22.51 8.15
CA ASP A 501 4.88 23.06 8.73
C ASP A 501 5.93 21.98 8.88
N LYS A 502 7.14 22.27 8.44
CA LYS A 502 8.22 21.27 8.41
C LYS A 502 8.51 20.60 9.76
N ASP A 503 8.45 21.36 10.83
CA ASP A 503 8.85 20.81 12.16
C ASP A 503 7.71 20.00 12.74
N ARG A 504 6.50 20.50 12.57
CA ARG A 504 5.31 19.76 12.95
C ARG A 504 5.31 18.40 12.24
N ILE A 505 5.65 18.42 10.96
CA ILE A 505 5.65 17.20 10.18
C ILE A 505 6.76 16.28 10.67
N SER A 506 7.92 16.85 10.93
CA SER A 506 9.01 16.04 11.46
C SER A 506 8.66 15.29 12.75
N GLU A 507 7.83 15.89 13.61
CA GLU A 507 7.41 15.25 14.87
C GLU A 507 6.48 14.09 14.56
N LEU A 508 5.51 14.40 13.71
CA LEU A 508 4.60 13.42 13.24
C LEU A 508 5.31 12.21 12.64
N LEU A 509 6.46 12.43 12.01
CA LEU A 509 7.18 11.32 11.40
C LEU A 509 8.19 10.63 12.33
N SER A 510 8.57 11.27 13.43
CA SER A 510 9.35 10.55 14.44
C SER A 510 8.41 9.48 15.01
PA NAP B . -12.50 10.63 -7.22
O1A NAP B . -12.94 12.02 -7.76
O2A NAP B . -13.47 9.62 -6.66
O5B NAP B . -11.84 9.94 -8.52
C5B NAP B . -11.52 8.56 -8.49
C4B NAP B . -12.11 8.03 -9.77
O4B NAP B . -11.83 6.61 -9.82
C3B NAP B . -13.66 8.15 -9.89
O3B NAP B . -14.01 9.08 -10.92
C2B NAP B . -14.12 6.74 -10.28
O2B NAP B . -15.07 6.79 -11.31
C1B NAP B . -12.80 6.05 -10.68
N9A NAP B . -12.77 4.61 -10.45
C8A NAP B . -13.01 3.93 -9.26
N7A NAP B . -12.96 2.57 -9.45
C5A NAP B . -12.61 2.38 -10.74
C6A NAP B . -12.37 1.23 -11.59
N6A NAP B . -12.46 -0.01 -11.02
N1A NAP B . -12.11 1.45 -12.96
C2A NAP B . -12.04 2.70 -13.44
N3A NAP B . -12.24 3.82 -12.70
C4A NAP B . -12.52 3.72 -11.40
O3 NAP B . -11.29 10.80 -6.14
PN NAP B . -10.05 11.84 -6.21
O1N NAP B . -10.11 12.79 -5.02
O2N NAP B . -9.92 12.22 -7.67
O5D NAP B . -8.73 10.95 -5.93
C5D NAP B . -8.18 10.26 -7.09
C4D NAP B . -7.02 9.32 -6.70
O4D NAP B . -6.05 9.98 -5.90
C3D NAP B . -7.57 8.17 -5.85
O3D NAP B . -6.99 6.96 -6.29
C2D NAP B . -7.20 8.52 -4.42
O2D NAP B . -7.07 7.34 -3.57
C1D NAP B . -5.90 9.37 -4.58
N1N NAP B . -5.78 10.33 -3.45
C2N NAP B . -6.58 11.45 -3.37
C3N NAP B . -6.52 12.39 -2.33
C7N NAP B . -7.43 13.65 -2.28
O7N NAP B . -7.40 14.41 -1.31
N7N NAP B . -8.27 13.99 -3.27
C4N NAP B . -5.61 12.13 -1.29
C5N NAP B . -4.83 10.97 -1.35
C6N NAP B . -4.91 10.09 -2.45
P2B NAP B . -16.19 5.61 -11.59
O1X NAP B . -17.03 5.41 -10.34
O2X NAP B . -16.98 6.11 -12.84
O3X NAP B . -15.38 4.37 -11.89
C1 GOL C . -11.66 -8.64 -8.01
O1 GOL C . -11.90 -7.40 -7.39
C2 GOL C . -10.78 -8.39 -9.22
O2 GOL C . -11.60 -7.89 -10.26
C3 GOL C . -10.12 -9.71 -9.63
O3 GOL C . -9.28 -9.52 -10.77
O1 PG4 D . -13.94 -6.77 -24.14
C1 PG4 D . -14.23 -7.04 -22.75
C2 PG4 D . -15.10 -5.91 -22.14
O2 PG4 D . -14.47 -4.60 -22.23
C3 PG4 D . -15.21 -3.53 -21.57
C4 PG4 D . -14.37 -2.24 -21.41
O3 PG4 D . -13.48 -2.18 -22.56
C5 PG4 D . -12.77 -0.97 -22.84
C6 PG4 D . -12.37 -0.99 -24.31
O4 PG4 D . -13.48 -0.59 -25.09
C7 PG4 D . -13.45 0.77 -25.43
C8 PG4 D . -13.85 0.88 -26.88
O5 PG4 D . -15.22 1.25 -26.93
#